data_2A7X
#
_entry.id   2A7X
#
_cell.length_a   120.262
_cell.length_b   44.944
_cell.length_c   82.236
_cell.angle_alpha   90.00
_cell.angle_beta   125.56
_cell.angle_gamma   90.00
#
_symmetry.space_group_name_H-M   'C 1 2 1'
#
loop_
_entity.id
_entity.type
_entity.pdbx_description
1 polymer 'Pantoate-beta-alanine ligase'
2 non-polymer 'SULFATE ION'
3 non-polymer 'ADENOSINE MONOPHOSPHATE'
4 non-polymer GLYCEROL
5 water water
#
_entity_poly.entity_id   1
_entity_poly.type   'polypeptide(L)'
_entity_poly.pdbx_seq_one_letter_code
;MAIPAFHPGELNVYSAPGDVADVSRALRLTGRRVMLVPTMGALHEGHLALVRAAKRVPGSVVVVSIFVNPMQFGAGGDLD
AYPRTPDDDLAQLRAEGVEIAFTPTTAAMYPDGLRTTVQPGPLAAELEGGPRPTHFAGVLTVVLKLLQIVRPDRVFFGEK
DYQQLVLIRQLVADFNLDVAVVGVPTVREADGLAMSSRNRYLDPAQRAAAVALSAALTAAAHAATAGAQAALDAARAVLD
AAPGVAVDYLELRDIGLGPMPLNGSGRLLVAARLGTTRLLDNIAIEIGTFAGTDRPDGYR
;
_entity_poly.pdbx_strand_id   A
#
loop_
_chem_comp.id
_chem_comp.type
_chem_comp.name
_chem_comp.formula
AMP non-polymer 'ADENOSINE MONOPHOSPHATE' 'C10 H14 N5 O7 P'
GOL non-polymer GLYCEROL 'C3 H8 O3'
SO4 non-polymer 'SULFATE ION' 'O4 S -2'
#
# COMPACT_ATOMS: atom_id res chain seq x y z
N ILE A 3 -30.89 -10.39 -1.37
CA ILE A 3 -29.79 -9.36 -1.38
C ILE A 3 -29.92 -8.41 -0.17
N PRO A 4 -28.83 -8.23 0.58
CA PRO A 4 -28.78 -7.28 1.70
C PRO A 4 -29.17 -5.87 1.25
N ALA A 5 -29.63 -5.06 2.19
CA ALA A 5 -30.10 -3.75 1.81
C ALA A 5 -28.85 -2.97 1.37
N PHE A 6 -28.99 -2.13 0.35
CA PHE A 6 -27.98 -1.13 -0.01
C PHE A 6 -28.69 0.22 -0.13
N HIS A 7 -28.17 1.21 0.59
CA HIS A 7 -28.71 2.57 0.54
C HIS A 7 -27.74 3.44 -0.23
N PRO A 8 -28.10 3.80 -1.46
CA PRO A 8 -27.23 4.62 -2.30
C PRO A 8 -26.94 5.97 -1.63
N GLY A 9 -25.72 6.47 -1.81
CA GLY A 9 -25.30 7.77 -1.31
C GLY A 9 -25.13 7.80 0.20
N GLU A 10 -25.19 6.64 0.84
CA GLU A 10 -24.89 6.51 2.28
C GLU A 10 -23.84 5.44 2.50
N LEU A 11 -23.22 5.46 3.68
CA LEU A 11 -22.29 4.38 4.02
C LEU A 11 -23.10 3.11 4.35
N ASN A 12 -22.66 1.98 3.77
CA ASN A 12 -23.24 0.68 3.99
C ASN A 12 -22.10 -0.20 4.46
N VAL A 13 -22.25 -0.85 5.62
CA VAL A 13 -21.15 -1.66 6.16
C VAL A 13 -21.58 -3.15 6.07
N TYR A 14 -20.68 -3.98 5.54
CA TYR A 14 -20.93 -5.41 5.47
C TYR A 14 -19.70 -6.11 5.98
N SER A 15 -19.92 -7.24 6.64
CA SER A 15 -18.76 -8.05 7.12
C SER A 15 -18.74 -9.42 6.47
N ALA A 16 -19.86 -9.87 5.93
CA ALA A 16 -19.87 -11.18 5.26
C ALA A 16 -19.44 -11.06 3.79
N PRO A 17 -18.48 -11.85 3.33
CA PRO A 17 -18.06 -11.80 1.91
C PRO A 17 -19.23 -11.89 0.96
N GLY A 18 -20.18 -12.82 1.24
CA GLY A 18 -21.33 -13.00 0.36
C GLY A 18 -22.23 -11.77 0.21
N ASP A 19 -22.32 -10.95 1.27
CA ASP A 19 -23.18 -9.81 1.23
C ASP A 19 -22.52 -8.78 0.30
N VAL A 20 -21.23 -8.52 0.49
CA VAL A 20 -20.58 -7.54 -0.42
C VAL A 20 -20.57 -8.04 -1.85
N ALA A 21 -20.36 -9.34 -2.05
CA ALA A 21 -20.35 -9.88 -3.40
C ALA A 21 -21.71 -9.66 -4.09
N ASP A 22 -22.82 -9.90 -3.37
CA ASP A 22 -24.13 -9.77 -3.99
C ASP A 22 -24.43 -8.29 -4.29
N VAL A 23 -24.04 -7.38 -3.39
CA VAL A 23 -24.39 -5.96 -3.58
C VAL A 23 -23.53 -5.40 -4.72
N SER A 24 -22.26 -5.81 -4.74
CA SER A 24 -21.35 -5.35 -5.79
C SER A 24 -21.84 -5.84 -7.16
N ARG A 25 -22.21 -7.11 -7.26
CA ARG A 25 -22.69 -7.64 -8.52
C ARG A 25 -23.93 -6.88 -8.97
N ALA A 26 -24.86 -6.63 -8.06
CA ALA A 26 -26.10 -5.92 -8.43
C ALA A 26 -25.81 -4.50 -8.90
N LEU A 27 -24.89 -3.82 -8.24
CA LEU A 27 -24.57 -2.42 -8.59
C LEU A 27 -23.87 -2.37 -9.94
N ARG A 28 -22.93 -3.28 -10.16
CA ARG A 28 -22.19 -3.26 -11.43
C ARG A 28 -23.14 -3.47 -12.63
N LEU A 29 -24.20 -4.25 -12.44
CA LEU A 29 -25.15 -4.49 -13.51
C LEU A 29 -25.89 -3.21 -13.95
N THR A 30 -25.98 -2.22 -13.05
CA THR A 30 -26.64 -0.94 -13.36
C THR A 30 -25.73 0.02 -14.09
N GLY A 31 -24.49 -0.39 -14.29
CA GLY A 31 -23.48 0.46 -14.93
C GLY A 31 -22.61 1.26 -13.98
N ARG A 32 -22.83 1.14 -12.67
CA ARG A 32 -21.97 1.85 -11.72
C ARG A 32 -20.70 1.05 -11.60
N ARG A 33 -19.57 1.69 -11.90
CA ARG A 33 -18.29 0.97 -11.86
C ARG A 33 -17.88 0.80 -10.40
N VAL A 34 -17.28 -0.34 -10.05
CA VAL A 34 -16.94 -0.56 -8.62
C VAL A 34 -15.44 -0.35 -8.45
N MET A 35 -15.06 0.37 -7.40
CA MET A 35 -13.62 0.68 -7.15
C MET A 35 -13.33 0.04 -5.82
N LEU A 36 -12.16 -0.59 -5.70
CA LEU A 36 -11.78 -1.22 -4.43
C LEU A 36 -10.54 -0.56 -3.87
N VAL A 37 -10.60 -0.19 -2.59
CA VAL A 37 -9.44 0.42 -1.88
C VAL A 37 -9.16 -0.47 -0.63
N PRO A 38 -8.22 -1.41 -0.70
CA PRO A 38 -7.86 -2.25 0.44
C PRO A 38 -7.07 -1.52 1.50
N THR A 39 -7.49 -1.67 2.75
CA THR A 39 -6.73 -1.05 3.86
C THR A 39 -6.72 -1.94 5.07
N MET A 40 -5.87 -1.55 6.01
CA MET A 40 -5.85 -2.19 7.34
C MET A 40 -6.47 -1.30 8.42
N GLY A 41 -7.32 -0.37 7.98
CA GLY A 41 -7.92 0.59 8.92
C GLY A 41 -6.89 1.56 9.50
N ALA A 42 -7.24 2.19 10.62
CA ALA A 42 -6.43 3.27 11.24
C ALA A 42 -6.17 4.33 10.18
N LEU A 43 -7.26 4.80 9.61
CA LEU A 43 -7.17 5.59 8.37
C LEU A 43 -6.58 6.97 8.59
N HIS A 44 -5.81 7.44 7.60
CA HIS A 44 -5.31 8.82 7.59
C HIS A 44 -5.33 9.37 6.17
N GLU A 45 -4.77 10.57 6.00
CA GLU A 45 -4.87 11.30 4.70
C GLU A 45 -4.23 10.51 3.56
N GLY A 46 -3.27 9.64 3.88
CA GLY A 46 -2.68 8.80 2.82
C GLY A 46 -3.75 7.85 2.27
N HIS A 47 -4.52 7.22 3.16
CA HIS A 47 -5.64 6.40 2.69
C HIS A 47 -6.67 7.21 1.97
N LEU A 48 -6.92 8.42 2.48
CA LEU A 48 -8.02 9.22 1.88
C LEU A 48 -7.67 9.61 0.44
N ALA A 49 -6.38 9.73 0.13
CA ALA A 49 -5.97 10.01 -1.25
C ALA A 49 -6.41 8.87 -2.18
N LEU A 50 -6.25 7.61 -1.71
CA LEU A 50 -6.73 6.46 -2.51
C LEU A 50 -8.22 6.56 -2.69
N VAL A 51 -8.94 6.86 -1.60
CA VAL A 51 -10.42 6.96 -1.71
C VAL A 51 -10.82 8.04 -2.70
N ARG A 52 -10.17 9.21 -2.61
CA ARG A 52 -10.50 10.35 -3.50
C ARG A 52 -10.19 10.04 -4.99
N ALA A 53 -9.11 9.27 -5.21
CA ALA A 53 -8.75 8.84 -6.56
C ALA A 53 -9.85 7.89 -7.10
N ALA A 54 -10.37 7.02 -6.23
CA ALA A 54 -11.46 6.11 -6.62
C ALA A 54 -12.73 6.92 -6.94
N LYS A 55 -12.97 7.94 -6.11
CA LYS A 55 -14.19 8.74 -6.24
C LYS A 55 -14.22 9.60 -7.49
N ARG A 56 -13.04 9.86 -8.07
CA ARG A 56 -12.94 10.69 -9.28
C ARG A 56 -13.61 9.98 -10.43
N VAL A 57 -13.83 8.67 -10.31
CA VAL A 57 -14.38 7.92 -11.45
C VAL A 57 -15.90 8.11 -11.46
N PRO A 58 -16.46 8.75 -12.48
CA PRO A 58 -17.89 9.16 -12.39
C PRO A 58 -18.81 8.00 -12.09
N GLY A 59 -19.73 8.18 -11.14
CA GLY A 59 -20.72 7.14 -10.82
C GLY A 59 -20.21 5.94 -10.06
N SER A 60 -18.92 5.93 -9.74
CA SER A 60 -18.30 4.78 -9.08
C SER A 60 -18.91 4.52 -7.69
N VAL A 61 -18.97 3.24 -7.37
CA VAL A 61 -19.25 2.82 -6.02
C VAL A 61 -17.89 2.52 -5.42
N VAL A 62 -17.51 3.26 -4.37
CA VAL A 62 -16.22 2.99 -3.76
C VAL A 62 -16.39 2.01 -2.61
N VAL A 63 -15.64 0.90 -2.67
CA VAL A 63 -15.66 -0.14 -1.64
C VAL A 63 -14.31 -0.03 -0.93
N VAL A 64 -14.31 0.26 0.35
CA VAL A 64 -13.06 0.29 1.11
C VAL A 64 -13.10 -0.90 2.05
N SER A 65 -12.08 -1.78 1.98
CA SER A 65 -12.07 -2.93 2.87
C SER A 65 -11.15 -2.57 4.02
N ILE A 66 -11.49 -3.07 5.20
CA ILE A 66 -10.63 -2.91 6.39
C ILE A 66 -10.43 -4.31 6.93
N PHE A 67 -9.19 -4.79 6.87
CA PHE A 67 -8.92 -6.15 7.34
C PHE A 67 -7.46 -6.24 7.71
N VAL A 68 -7.18 -6.78 8.89
CA VAL A 68 -5.80 -7.04 9.29
C VAL A 68 -5.52 -8.56 9.14
N ASN A 69 -4.71 -8.93 8.16
CA ASN A 69 -4.48 -10.33 7.85
C ASN A 69 -3.62 -10.92 8.97
N PRO A 70 -3.99 -12.07 9.51
CA PRO A 70 -3.19 -12.69 10.59
C PRO A 70 -1.78 -13.02 10.12
N MET A 71 -0.85 -13.03 11.07
CA MET A 71 0.55 -13.40 10.82
C MET A 71 0.65 -14.91 10.70
N GLN A 72 1.51 -15.39 9.82
CA GLN A 72 1.73 -16.81 9.74
C GLN A 72 2.75 -17.26 10.79
N PHE A 73 2.90 -18.57 10.93
CA PHE A 73 3.85 -19.12 11.89
C PHE A 73 5.23 -18.45 11.76
N GLY A 74 5.82 -18.13 12.90
CA GLY A 74 7.19 -17.63 12.97
C GLY A 74 7.39 -16.15 12.67
N ALA A 75 6.30 -15.43 12.34
CA ALA A 75 6.28 -13.98 12.05
C ALA A 75 5.65 -13.14 13.17
N GLY A 76 6.40 -12.16 13.68
CA GLY A 76 5.89 -11.27 14.74
C GLY A 76 5.22 -10.03 14.14
N GLY A 77 4.99 -9.02 14.97
CA GLY A 77 4.38 -7.77 14.50
C GLY A 77 4.26 -6.74 15.62
N ASP A 87 -12.72 3.88 17.42
CA ASP A 87 -11.98 4.43 16.28
C ASP A 87 -12.89 5.06 15.20
N ASP A 88 -12.38 6.05 14.49
CA ASP A 88 -13.32 6.79 13.64
C ASP A 88 -13.13 6.44 12.17
N ASP A 89 -12.61 5.24 11.87
CA ASP A 89 -12.43 4.86 10.46
C ASP A 89 -13.72 4.98 9.64
N LEU A 90 -14.82 4.41 10.15
CA LEU A 90 -16.07 4.44 9.40
C LEU A 90 -16.61 5.85 9.23
N ALA A 91 -16.51 6.65 10.29
CA ALA A 91 -16.88 8.05 10.18
C ALA A 91 -16.06 8.80 9.10
N GLN A 92 -14.76 8.52 8.99
CA GLN A 92 -13.96 9.14 7.97
C GLN A 92 -14.45 8.70 6.58
N LEU A 93 -14.75 7.40 6.43
CA LEU A 93 -15.20 6.91 5.11
C LEU A 93 -16.55 7.56 4.74
N ARG A 94 -17.45 7.64 5.71
CA ARG A 94 -18.74 8.25 5.43
C ARG A 94 -18.56 9.69 4.94
N ALA A 95 -17.63 10.43 5.55
CA ALA A 95 -17.45 11.85 5.19
C ALA A 95 -16.82 11.99 3.79
N GLU A 96 -16.13 10.94 3.34
CA GLU A 96 -15.60 10.90 1.97
C GLU A 96 -16.62 10.44 0.91
N GLY A 97 -17.84 10.10 1.30
CA GLY A 97 -18.83 9.62 0.31
C GLY A 97 -18.61 8.18 -0.13
N VAL A 98 -17.96 7.39 0.75
CA VAL A 98 -17.75 5.97 0.46
C VAL A 98 -19.10 5.28 0.78
N GLU A 99 -19.55 4.47 -0.16
CA GLU A 99 -20.85 3.80 0.00
C GLU A 99 -20.71 2.42 0.59
N ILE A 100 -19.54 1.79 0.49
CA ILE A 100 -19.43 0.45 1.03
C ILE A 100 -18.17 0.32 1.83
N ALA A 101 -18.31 -0.10 3.09
CA ALA A 101 -17.15 -0.50 3.89
C ALA A 101 -17.25 -2.01 4.13
N PHE A 102 -16.18 -2.75 3.85
CA PHE A 102 -16.21 -4.21 3.98
C PHE A 102 -15.27 -4.58 5.14
N THR A 103 -15.81 -5.14 6.23
CA THR A 103 -15.03 -5.31 7.45
C THR A 103 -15.13 -6.76 7.95
N PRO A 104 -14.57 -7.70 7.19
CA PRO A 104 -14.70 -9.11 7.53
C PRO A 104 -13.85 -9.50 8.74
N THR A 105 -14.29 -10.52 9.47
CA THR A 105 -13.47 -11.13 10.51
C THR A 105 -12.49 -12.07 9.87
N THR A 106 -11.48 -12.43 10.64
CA THR A 106 -10.57 -13.49 10.18
C THR A 106 -11.33 -14.77 9.86
N ALA A 107 -12.30 -15.12 10.70
CA ALA A 107 -13.01 -16.39 10.48
C ALA A 107 -13.82 -16.38 9.18
N ALA A 108 -14.37 -15.21 8.81
CA ALA A 108 -15.14 -15.09 7.56
C ALA A 108 -14.22 -15.16 6.33
N MET A 109 -13.02 -14.61 6.47
CA MET A 109 -12.04 -14.66 5.37
C MET A 109 -11.45 -16.04 5.23
N TYR A 110 -11.25 -16.73 6.36
CA TYR A 110 -10.60 -18.06 6.39
C TYR A 110 -11.47 -19.13 7.10
N PRO A 111 -12.64 -19.41 6.56
CA PRO A 111 -13.56 -20.33 7.23
C PRO A 111 -13.02 -21.75 7.26
N ASP A 112 -12.06 -22.04 6.38
CA ASP A 112 -11.48 -23.39 6.30
C ASP A 112 -10.01 -23.31 6.66
N GLY A 113 -9.63 -22.25 7.37
CA GLY A 113 -8.26 -22.00 7.76
C GLY A 113 -7.39 -21.56 6.60
N LEU A 114 -6.10 -21.57 6.82
CA LEU A 114 -5.20 -21.18 5.77
C LEU A 114 -4.94 -22.44 4.92
N ARG A 115 -5.61 -22.51 3.76
CA ARG A 115 -5.58 -23.76 2.98
C ARG A 115 -4.95 -23.50 1.61
N THR A 116 -5.74 -23.15 0.60
CA THR A 116 -5.13 -22.70 -0.66
C THR A 116 -4.58 -21.29 -0.46
N THR A 117 -3.35 -21.02 -0.93
CA THR A 117 -2.79 -19.66 -0.81
C THR A 117 -2.06 -19.29 -2.10
N VAL A 118 -1.67 -18.03 -2.16
CA VAL A 118 -0.90 -17.54 -3.32
C VAL A 118 0.58 -17.57 -2.93
N GLN A 119 1.39 -18.12 -3.82
CA GLN A 119 2.84 -18.15 -3.65
C GLN A 119 3.41 -17.07 -4.59
N PRO A 120 3.89 -15.96 -4.07
CA PRO A 120 4.49 -14.96 -4.96
C PRO A 120 5.76 -15.44 -5.62
N GLY A 121 6.20 -14.65 -6.61
CA GLY A 121 7.51 -14.85 -7.25
C GLY A 121 8.61 -14.37 -6.32
N PRO A 122 9.84 -14.51 -6.80
CA PRO A 122 11.03 -14.28 -5.90
C PRO A 122 11.23 -12.84 -5.43
N LEU A 123 10.56 -11.86 -6.07
CA LEU A 123 10.67 -10.49 -5.57
C LEU A 123 10.11 -10.39 -4.11
N ALA A 124 9.20 -11.31 -3.74
CA ALA A 124 8.66 -11.36 -2.37
C ALA A 124 9.67 -11.68 -1.29
N ALA A 125 10.83 -12.18 -1.67
CA ALA A 125 11.84 -12.52 -0.67
C ALA A 125 12.86 -11.38 -0.51
N GLU A 126 12.74 -10.35 -1.36
CA GLU A 126 13.72 -9.23 -1.39
C GLU A 126 13.17 -8.06 -0.57
N LEU A 127 14.05 -7.10 -0.22
CA LEU A 127 13.56 -5.84 0.36
C LEU A 127 12.71 -6.14 1.61
N GLU A 128 11.40 -5.81 1.59
CA GLU A 128 10.55 -5.98 2.81
C GLU A 128 10.43 -7.49 3.11
N GLY A 129 10.64 -8.35 2.09
CA GLY A 129 10.50 -9.81 2.25
C GLY A 129 11.70 -10.44 2.94
N GLY A 130 12.77 -9.67 3.10
CA GLY A 130 13.97 -10.15 3.76
C GLY A 130 13.62 -10.42 5.22
N PRO A 131 13.23 -9.38 5.95
CA PRO A 131 12.81 -9.56 7.36
C PRO A 131 11.53 -10.39 7.52
N ARG A 132 10.67 -10.43 6.51
CA ARG A 132 9.35 -11.07 6.67
C ARG A 132 9.07 -11.92 5.43
N PRO A 133 9.71 -13.09 5.34
CA PRO A 133 9.60 -13.91 4.13
C PRO A 133 8.22 -14.47 3.79
N THR A 134 7.25 -14.41 4.73
CA THR A 134 5.88 -14.88 4.41
C THR A 134 4.90 -13.71 4.19
N HIS A 135 5.37 -12.48 4.37
CA HIS A 135 4.49 -11.31 4.39
C HIS A 135 3.77 -11.16 3.08
N PHE A 136 4.49 -11.25 1.96
CA PHE A 136 3.77 -10.95 0.69
C PHE A 136 2.91 -12.11 0.24
N ALA A 137 3.23 -13.35 0.60
CA ALA A 137 2.23 -14.39 0.38
C ALA A 137 0.89 -14.08 1.06
N GLY A 138 0.92 -13.59 2.30
CA GLY A 138 -0.32 -13.16 2.98
C GLY A 138 -1.00 -12.01 2.22
N VAL A 139 -0.22 -10.98 1.86
CA VAL A 139 -0.77 -9.83 1.09
C VAL A 139 -1.46 -10.28 -0.20
N LEU A 140 -0.76 -11.06 -1.02
CA LEU A 140 -1.32 -11.45 -2.31
C LEU A 140 -2.53 -12.38 -2.13
N THR A 141 -2.49 -13.24 -1.12
CA THR A 141 -3.64 -14.14 -0.85
C THR A 141 -4.88 -13.28 -0.53
N VAL A 142 -4.70 -12.33 0.38
CA VAL A 142 -5.81 -11.45 0.80
C VAL A 142 -6.30 -10.59 -0.32
N VAL A 143 -5.36 -10.03 -1.09
CA VAL A 143 -5.82 -9.15 -2.18
C VAL A 143 -6.55 -9.97 -3.26
N LEU A 144 -6.04 -11.18 -3.56
CA LEU A 144 -6.73 -12.01 -4.54
C LEU A 144 -8.20 -12.27 -4.08
N LYS A 145 -8.36 -12.69 -2.82
CA LYS A 145 -9.71 -12.88 -2.24
C LYS A 145 -10.56 -11.62 -2.35
N LEU A 146 -10.03 -10.48 -1.92
CA LEU A 146 -10.81 -9.21 -1.99
C LEU A 146 -11.24 -8.93 -3.42
N LEU A 147 -10.32 -9.16 -4.39
CA LEU A 147 -10.66 -8.94 -5.76
C LEU A 147 -11.77 -9.84 -6.23
N GLN A 148 -11.76 -11.10 -5.77
CA GLN A 148 -12.83 -12.00 -6.20
C GLN A 148 -14.18 -11.74 -5.56
N ILE A 149 -14.16 -11.31 -4.30
CA ILE A 149 -15.39 -10.98 -3.57
C ILE A 149 -16.04 -9.75 -4.19
N VAL A 150 -15.23 -8.72 -4.39
CA VAL A 150 -15.74 -7.38 -4.80
C VAL A 150 -15.89 -7.22 -6.31
N ARG A 151 -15.04 -7.91 -7.07
CA ARG A 151 -14.97 -7.79 -8.54
C ARG A 151 -14.97 -6.34 -8.99
N PRO A 152 -13.99 -5.55 -8.52
CA PRO A 152 -13.94 -4.15 -8.90
C PRO A 152 -13.44 -4.01 -10.33
N ASP A 153 -13.84 -2.91 -10.98
CA ASP A 153 -13.15 -2.47 -12.21
C ASP A 153 -11.71 -2.00 -12.03
N ARG A 154 -11.44 -1.38 -10.90
CA ARG A 154 -10.11 -0.84 -10.59
C ARG A 154 -9.83 -1.02 -9.11
N VAL A 155 -8.56 -1.24 -8.77
CA VAL A 155 -8.18 -1.37 -7.40
C VAL A 155 -7.01 -0.42 -7.15
N PHE A 156 -6.99 0.22 -5.98
CA PHE A 156 -6.05 1.36 -5.74
C PHE A 156 -5.09 0.97 -4.66
N PHE A 157 -3.80 1.21 -4.95
CA PHE A 157 -2.72 0.94 -3.96
C PHE A 157 -1.78 2.16 -3.92
N GLY A 158 -1.20 2.42 -2.76
CA GLY A 158 -0.36 3.58 -2.67
C GLY A 158 1.05 3.25 -3.10
N GLU A 159 1.73 4.26 -3.66
CA GLU A 159 3.16 4.12 -3.97
C GLU A 159 3.97 4.02 -2.68
N LYS A 160 3.35 4.41 -1.57
CA LYS A 160 3.98 4.32 -0.24
C LYS A 160 4.54 2.90 -0.09
N ASP A 161 3.69 1.91 -0.42
CA ASP A 161 4.15 0.50 -0.38
C ASP A 161 4.49 0.04 -1.79
N TYR A 162 5.63 0.55 -2.27
CA TYR A 162 5.92 0.37 -3.69
C TYR A 162 6.15 -1.10 -4.06
N GLN A 163 6.90 -1.82 -3.24
CA GLN A 163 7.14 -3.23 -3.52
C GLN A 163 5.80 -3.95 -3.52
N GLN A 164 4.92 -3.63 -2.56
CA GLN A 164 3.56 -4.24 -2.58
C GLN A 164 2.85 -3.98 -3.89
N LEU A 165 2.88 -2.72 -4.33
CA LEU A 165 2.21 -2.32 -5.59
C LEU A 165 2.79 -3.12 -6.79
N VAL A 166 4.12 -3.25 -6.85
CA VAL A 166 4.74 -4.00 -7.93
C VAL A 166 4.29 -5.47 -7.91
N LEU A 167 4.24 -6.06 -6.70
CA LEU A 167 3.81 -7.44 -6.54
C LEU A 167 2.35 -7.62 -6.91
N ILE A 168 1.50 -6.63 -6.59
CA ILE A 168 0.09 -6.70 -7.02
C ILE A 168 0.05 -6.69 -8.53
N ARG A 169 0.87 -5.86 -9.19
CA ARG A 169 0.87 -5.91 -10.64
C ARG A 169 1.27 -7.30 -11.15
N GLN A 170 2.21 -7.94 -10.45
CA GLN A 170 2.60 -9.28 -10.89
C GLN A 170 1.43 -10.26 -10.71
N LEU A 171 0.77 -10.19 -9.55
CA LEU A 171 -0.39 -11.04 -9.27
C LEU A 171 -1.41 -10.92 -10.42
N VAL A 172 -1.72 -9.68 -10.76
CA VAL A 172 -2.78 -9.41 -11.76
C VAL A 172 -2.32 -9.90 -13.15
N ALA A 173 -1.07 -9.66 -13.51
CA ALA A 173 -0.57 -10.16 -14.80
C ALA A 173 -0.57 -11.70 -14.83
N ASP A 174 0.02 -12.28 -13.79
CA ASP A 174 0.30 -13.70 -13.78
C ASP A 174 -0.95 -14.57 -13.66
N PHE A 175 -1.99 -14.04 -13.00
CA PHE A 175 -3.27 -14.76 -12.89
C PHE A 175 -4.33 -14.24 -13.87
N ASN A 176 -3.93 -13.37 -14.82
CA ASN A 176 -4.86 -12.89 -15.90
C ASN A 176 -6.08 -12.16 -15.32
N LEU A 177 -5.87 -11.47 -14.20
CA LEU A 177 -7.01 -10.76 -13.53
C LEU A 177 -7.47 -9.57 -14.33
N ASP A 178 -8.79 -9.44 -14.44
CA ASP A 178 -9.37 -8.43 -15.27
C ASP A 178 -9.75 -7.32 -14.30
N VAL A 179 -8.73 -6.66 -13.77
CA VAL A 179 -8.86 -5.45 -12.94
C VAL A 179 -7.72 -4.52 -13.37
N ALA A 180 -7.96 -3.21 -13.36
CA ALA A 180 -6.90 -2.21 -13.55
C ALA A 180 -6.30 -1.89 -12.19
N VAL A 181 -4.99 -1.99 -12.09
CA VAL A 181 -4.29 -1.60 -10.86
C VAL A 181 -3.87 -0.14 -10.97
N VAL A 182 -4.30 0.66 -9.98
CA VAL A 182 -4.02 2.13 -10.02
C VAL A 182 -3.08 2.48 -8.87
N GLY A 183 -1.88 2.97 -9.18
CA GLY A 183 -0.96 3.36 -8.09
C GLY A 183 -1.19 4.83 -7.81
N VAL A 184 -1.26 5.19 -6.52
CA VAL A 184 -1.58 6.57 -6.13
C VAL A 184 -0.31 7.13 -5.43
N PRO A 185 0.10 8.34 -5.79
CA PRO A 185 1.33 8.92 -5.18
C PRO A 185 1.27 9.02 -3.67
N THR A 186 2.45 8.98 -3.07
CA THR A 186 2.56 9.00 -1.62
C THR A 186 2.14 10.37 -1.08
N VAL A 187 1.29 10.35 -0.05
CA VAL A 187 0.89 11.55 0.63
C VAL A 187 1.88 11.83 1.76
N ARG A 188 2.35 13.08 1.82
CA ARG A 188 3.41 13.42 2.79
C ARG A 188 2.96 14.59 3.67
N GLU A 189 3.55 14.65 4.86
CA GLU A 189 3.43 15.84 5.72
C GLU A 189 4.15 17.00 5.05
N ALA A 190 3.96 18.20 5.61
CA ALA A 190 4.51 19.42 4.98
C ALA A 190 6.00 19.36 4.86
N ASP A 191 6.66 18.65 5.79
CA ASP A 191 8.12 18.58 5.72
C ASP A 191 8.63 17.44 4.86
N GLY A 192 7.70 16.66 4.32
CA GLY A 192 8.07 15.53 3.44
C GLY A 192 7.90 14.13 4.04
N LEU A 193 7.71 14.01 5.37
CA LEU A 193 7.55 12.69 5.99
C LEU A 193 6.34 11.96 5.40
N ALA A 194 6.57 10.75 4.86
CA ALA A 194 5.49 9.97 4.26
C ALA A 194 4.47 9.60 5.34
N MET A 195 3.20 9.91 5.10
CA MET A 195 2.20 9.56 6.13
C MET A 195 2.07 8.04 6.34
N SER A 196 1.91 7.67 7.62
CA SER A 196 1.75 6.24 7.98
C SER A 196 1.18 6.18 9.38
N SER A 197 0.33 5.19 9.61
CA SER A 197 -0.16 4.98 10.98
C SER A 197 0.99 4.74 11.96
N ARG A 198 2.10 4.22 11.45
CA ARG A 198 3.27 3.99 12.33
C ARG A 198 3.89 5.27 12.84
N ASN A 199 3.59 6.39 12.18
CA ASN A 199 4.18 7.66 12.63
C ASN A 199 3.68 8.02 14.02
N ARG A 200 2.54 7.44 14.38
CA ARG A 200 1.97 7.70 15.70
C ARG A 200 2.81 7.15 16.82
N TYR A 201 3.66 6.17 16.49
CA TYR A 201 4.56 5.61 17.52
C TYR A 201 5.75 6.48 17.88
N LEU A 202 6.01 7.50 17.05
CA LEU A 202 7.20 8.34 17.22
C LEU A 202 7.00 9.44 18.26
N ASP A 203 8.00 9.65 19.12
CA ASP A 203 7.92 10.75 20.08
C ASP A 203 8.29 12.02 19.29
N PRO A 204 8.12 13.20 19.85
CA PRO A 204 8.40 14.44 19.06
C PRO A 204 9.83 14.51 18.46
N ALA A 205 10.84 14.11 19.21
CA ALA A 205 12.22 14.14 18.70
C ALA A 205 12.42 13.17 17.55
N GLN A 206 11.86 11.96 17.69
CA GLN A 206 11.93 10.95 16.61
C GLN A 206 11.15 11.42 15.41
N ARG A 207 10.02 12.07 15.63
CA ARG A 207 9.25 12.59 14.49
C ARG A 207 10.06 13.64 13.71
N ALA A 208 10.75 14.51 14.44
CA ALA A 208 11.62 15.49 13.81
C ALA A 208 12.74 14.82 13.05
N ALA A 209 13.36 13.82 13.67
CA ALA A 209 14.49 13.11 13.01
C ALA A 209 14.03 12.33 11.79
N ALA A 210 12.79 11.84 11.83
CA ALA A 210 12.23 10.99 10.74
C ALA A 210 12.15 11.70 9.38
N VAL A 211 12.20 13.04 9.38
CA VAL A 211 12.27 13.77 8.10
C VAL A 211 13.50 13.34 7.27
N ALA A 212 14.51 12.76 7.91
CA ALA A 212 15.69 12.34 7.15
C ALA A 212 15.41 11.38 5.99
N LEU A 213 14.40 10.52 6.13
CA LEU A 213 14.14 9.55 5.06
C LEU A 213 13.75 10.28 3.79
N SER A 214 12.75 11.15 3.86
CA SER A 214 12.29 11.89 2.66
C SER A 214 13.36 12.87 2.20
N ALA A 215 14.08 13.49 3.16
CA ALA A 215 15.15 14.41 2.79
C ALA A 215 16.22 13.65 2.00
N ALA A 216 16.58 12.44 2.44
CA ALA A 216 17.61 11.66 1.76
C ALA A 216 17.15 11.28 0.36
N LEU A 217 15.91 10.78 0.24
CA LEU A 217 15.39 10.40 -1.09
C LEU A 217 15.24 11.56 -2.04
N THR A 218 14.72 12.71 -1.56
CA THR A 218 14.55 13.85 -2.45
C THR A 218 15.91 14.40 -2.84
N ALA A 219 16.85 14.40 -1.90
CA ALA A 219 18.24 14.85 -2.26
C ALA A 219 18.76 13.92 -3.38
N ALA A 220 18.59 12.62 -3.19
CA ALA A 220 19.02 11.64 -4.21
C ALA A 220 18.41 11.92 -5.58
N ALA A 221 17.11 12.21 -5.61
CA ALA A 221 16.41 12.39 -6.88
C ALA A 221 17.00 13.56 -7.65
N HIS A 222 17.48 14.58 -6.92
CA HIS A 222 18.16 15.71 -7.57
C HIS A 222 19.63 15.49 -7.88
N ALA A 223 20.30 14.76 -7.00
CA ALA A 223 21.71 14.38 -7.19
C ALA A 223 21.85 13.51 -8.47
N ALA A 224 20.74 12.86 -8.86
CA ALA A 224 20.78 11.85 -9.95
C ALA A 224 21.14 12.39 -11.31
N THR A 225 21.07 13.71 -11.51
CA THR A 225 21.61 14.24 -12.74
C THR A 225 23.10 13.85 -12.92
N ALA A 226 23.79 13.58 -11.81
CA ALA A 226 25.21 13.24 -11.79
C ALA A 226 25.42 11.72 -11.74
N GLY A 227 24.32 10.99 -11.83
CA GLY A 227 24.38 9.52 -11.98
C GLY A 227 23.96 8.72 -10.76
N ALA A 228 23.93 7.39 -10.92
CA ALA A 228 23.34 6.54 -9.89
C ALA A 228 24.13 6.57 -8.57
N GLN A 229 25.46 6.52 -8.67
CA GLN A 229 26.29 6.50 -7.47
C GLN A 229 26.14 7.80 -6.71
N ALA A 230 26.16 8.93 -7.43
CA ALA A 230 25.91 10.23 -6.78
C ALA A 230 24.59 10.24 -6.01
N ALA A 231 23.53 9.68 -6.62
CA ALA A 231 22.21 9.63 -5.99
C ALA A 231 22.27 8.78 -4.70
N LEU A 232 22.83 7.59 -4.80
CA LEU A 232 22.91 6.74 -3.60
C LEU A 232 23.74 7.39 -2.50
N ASP A 233 24.88 7.93 -2.90
CA ASP A 233 25.79 8.56 -1.92
C ASP A 233 25.13 9.76 -1.23
N ALA A 234 24.39 10.59 -2.00
CA ALA A 234 23.67 11.75 -1.39
C ALA A 234 22.68 11.25 -0.34
N ALA A 235 21.91 10.21 -0.67
CA ALA A 235 20.89 9.68 0.28
C ALA A 235 21.60 9.12 1.52
N ARG A 236 22.67 8.38 1.29
CA ARG A 236 23.36 7.74 2.43
C ARG A 236 23.94 8.84 3.36
N ALA A 237 24.45 9.91 2.76
CA ALA A 237 25.02 11.01 3.55
C ALA A 237 23.98 11.67 4.42
N VAL A 238 22.77 11.89 3.89
CA VAL A 238 21.71 12.49 4.69
C VAL A 238 21.32 11.55 5.86
N LEU A 239 21.16 10.27 5.54
CA LEU A 239 20.78 9.31 6.61
C LEU A 239 21.86 9.23 7.66
N ASP A 240 23.13 9.22 7.21
CA ASP A 240 24.28 9.14 8.16
C ASP A 240 24.37 10.38 9.03
N ALA A 241 23.79 11.49 8.56
CA ALA A 241 23.80 12.75 9.31
C ALA A 241 22.75 12.78 10.40
N ALA A 242 21.82 11.82 10.37
CA ALA A 242 20.74 11.76 11.36
C ALA A 242 21.07 10.70 12.41
N PRO A 243 21.65 11.10 13.54
CA PRO A 243 22.16 10.10 14.49
C PRO A 243 21.14 9.07 15.02
N GLY A 244 19.85 9.41 15.12
CA GLY A 244 18.88 8.44 15.68
C GLY A 244 18.14 7.61 14.62
N VAL A 245 18.69 7.58 13.40
CA VAL A 245 18.10 6.84 12.28
C VAL A 245 19.09 5.70 11.95
N ALA A 246 18.61 4.47 12.04
CA ALA A 246 19.43 3.31 11.74
C ALA A 246 18.89 2.70 10.44
N VAL A 247 19.75 2.65 9.42
CA VAL A 247 19.27 2.21 8.09
C VAL A 247 19.26 0.69 7.98
N ASP A 248 18.14 0.12 7.54
CA ASP A 248 18.02 -1.31 7.27
C ASP A 248 18.45 -1.62 5.83
N TYR A 249 17.85 -0.90 4.87
CA TYR A 249 18.34 -0.96 3.50
C TYR A 249 18.16 0.38 2.79
N LEU A 250 18.97 0.58 1.75
CA LEU A 250 18.83 1.75 0.85
C LEU A 250 19.23 1.19 -0.52
N GLU A 251 18.26 1.01 -1.42
CA GLU A 251 18.54 0.29 -2.64
C GLU A 251 17.96 1.03 -3.82
N LEU A 252 18.74 1.03 -4.90
CA LEU A 252 18.26 1.63 -6.16
C LEU A 252 17.96 0.51 -7.16
N ARG A 253 16.75 0.51 -7.71
CA ARG A 253 16.31 -0.56 -8.59
C ARG A 253 15.63 0.01 -9.81
N ASP A 254 15.36 -0.83 -10.81
CA ASP A 254 14.49 -0.35 -11.92
C ASP A 254 13.05 -0.20 -11.42
N ILE A 255 12.17 0.32 -12.27
CA ILE A 255 10.80 0.59 -11.76
C ILE A 255 10.03 -0.70 -11.42
N GLY A 256 10.41 -1.82 -12.03
CA GLY A 256 9.79 -3.13 -11.70
C GLY A 256 10.53 -3.88 -10.57
N LEU A 257 11.51 -3.19 -9.99
CA LEU A 257 12.33 -3.68 -8.85
C LEU A 257 13.33 -4.76 -9.22
N GLY A 258 13.59 -4.87 -10.51
CA GLY A 258 14.77 -5.62 -10.97
C GLY A 258 16.00 -4.73 -10.83
N PRO A 259 17.15 -5.20 -11.33
CA PRO A 259 18.39 -4.41 -11.26
C PRO A 259 18.24 -3.11 -12.03
N MET A 260 18.74 -2.04 -11.44
CA MET A 260 18.76 -0.74 -12.10
C MET A 260 19.55 -0.79 -13.41
N PRO A 261 19.01 -0.23 -14.49
CA PRO A 261 19.75 -0.15 -15.76
C PRO A 261 20.76 1.00 -15.77
N LEU A 262 21.71 0.97 -16.71
CA LEU A 262 22.74 2.04 -16.84
C LEU A 262 22.13 3.43 -17.03
N ASN A 263 21.22 3.54 -18.00
CA ASN A 263 20.46 4.77 -18.20
C ASN A 263 18.96 4.48 -18.18
N GLY A 264 18.22 5.16 -17.30
CA GLY A 264 16.75 5.07 -17.31
C GLY A 264 16.06 5.48 -16.02
N SER A 265 14.80 5.06 -15.90
CA SER A 265 13.95 5.31 -14.74
C SER A 265 14.19 4.22 -13.70
N GLY A 266 14.27 4.63 -12.44
CA GLY A 266 14.46 3.69 -11.35
C GLY A 266 13.65 4.10 -10.15
N ARG A 267 13.84 3.37 -9.07
CA ARG A 267 13.16 3.70 -7.80
C ARG A 267 14.18 3.50 -6.70
N LEU A 268 14.29 4.48 -5.79
CA LEU A 268 15.16 4.34 -4.61
C LEU A 268 14.28 4.07 -3.42
N LEU A 269 14.62 3.04 -2.68
CA LEU A 269 13.80 2.58 -1.55
C LEU A 269 14.65 2.58 -0.27
N VAL A 270 14.06 3.06 0.82
CA VAL A 270 14.79 3.02 2.09
C VAL A 270 13.87 2.39 3.14
N ALA A 271 14.49 1.65 4.05
CA ALA A 271 13.80 1.26 5.29
C ALA A 271 14.75 1.63 6.41
N ALA A 272 14.21 2.21 7.49
CA ALA A 272 15.09 2.69 8.59
C ALA A 272 14.30 2.61 9.90
N ARG A 273 15.03 2.43 11.00
CA ARG A 273 14.40 2.37 12.34
C ARG A 273 14.71 3.63 13.13
N LEU A 274 13.69 4.19 13.76
CA LEU A 274 13.87 5.23 14.79
C LEU A 274 13.44 4.58 16.12
N GLY A 275 14.42 4.25 16.95
CA GLY A 275 14.16 3.43 18.14
C GLY A 275 13.56 2.09 17.73
N THR A 276 12.33 1.82 18.14
CA THR A 276 11.73 0.55 17.78
C THR A 276 10.82 0.64 16.55
N THR A 277 10.67 1.85 15.99
CA THR A 277 9.71 2.02 14.91
C THR A 277 10.40 1.98 13.57
N ARG A 278 9.96 1.06 12.72
CA ARG A 278 10.55 0.93 11.39
C ARG A 278 9.70 1.71 10.40
N LEU A 279 10.33 2.59 9.62
CA LEU A 279 9.65 3.42 8.64
C LEU A 279 10.23 3.13 7.25
N LEU A 280 9.39 3.30 6.24
CA LEU A 280 9.75 3.10 4.85
C LEU A 280 9.51 4.37 4.05
N ASP A 281 10.28 4.54 2.98
CA ASP A 281 9.95 5.58 1.98
C ASP A 281 10.60 5.14 0.66
N ASN A 282 10.14 5.73 -0.43
CA ASN A 282 10.70 5.45 -1.73
C ASN A 282 10.38 6.61 -2.67
N ILE A 283 11.16 6.71 -3.75
CA ILE A 283 10.97 7.82 -4.66
C ILE A 283 11.38 7.43 -6.06
N ALA A 284 10.77 8.08 -7.06
CA ALA A 284 11.17 7.91 -8.46
C ALA A 284 12.56 8.55 -8.64
N ILE A 285 13.37 7.89 -9.46
CA ILE A 285 14.71 8.40 -9.77
C ILE A 285 14.86 8.33 -11.28
N GLU A 286 15.44 9.37 -11.88
CA GLU A 286 15.74 9.33 -13.31
C GLU A 286 17.25 9.46 -13.44
N ILE A 287 17.87 8.49 -14.08
CA ILE A 287 19.33 8.50 -14.09
C ILE A 287 19.92 9.37 -15.16
N GLY A 288 20.58 10.44 -14.70
CA GLY A 288 21.21 11.46 -15.52
C GLY A 288 20.23 12.26 -16.37
S SO4 B . -11.49 7.90 -15.97
O1 SO4 B . -12.33 6.97 -16.73
O2 SO4 B . -10.88 8.87 -16.88
O3 SO4 B . -12.30 8.58 -14.96
O4 SO4 B . -10.38 7.22 -15.30
P AMP C . -2.36 -0.04 4.97
O1P AMP C . -1.11 0.46 5.59
O2P AMP C . -3.67 0.36 5.67
O3P AMP C . -2.49 -1.47 4.44
O5' AMP C . -2.34 0.84 3.62
C5' AMP C . -3.49 0.73 2.77
C4' AMP C . -3.19 1.33 1.41
O4' AMP C . -2.97 2.75 1.67
C3' AMP C . -1.92 0.77 0.81
O3' AMP C . -2.16 0.77 -0.61
C2' AMP C . -0.91 1.86 1.13
O2' AMP C . 0.19 1.86 0.20
C1' AMP C . -1.78 3.12 1.05
N9 AMP C . -1.12 4.17 1.84
C8 AMP C . -0.81 4.17 3.16
N7 AMP C . -0.16 5.33 3.49
C5 AMP C . -0.08 6.05 2.33
C6 AMP C . 0.48 7.33 1.91
N6 AMP C . 1.12 8.09 2.85
N1 AMP C . 0.31 7.72 0.62
C2 AMP C . -0.29 6.95 -0.35
N3 AMP C . -0.80 5.76 0.00
C4 AMP C . -0.72 5.28 1.26
C1 GOL D . -2.98 -2.81 1.25
O1 GOL D . -1.83 -2.54 2.06
C2 GOL D . -3.91 -3.76 1.97
O2 GOL D . -4.27 -3.26 3.25
C3 GOL D . -3.46 -5.22 1.92
O3 GOL D . -2.27 -5.43 2.66
C1 GOL E . -10.52 -10.06 -10.99
O1 GOL E . -10.42 -11.41 -10.59
C2 GOL E . -11.41 -9.45 -9.93
O2 GOL E . -12.62 -10.22 -9.89
C3 GOL E . -11.59 -7.94 -10.11
O3 GOL E . -12.46 -7.68 -11.18
#